data_5MJ4
#
_entry.id   5MJ4
#
_cell.length_a   57.850
_cell.length_b   57.850
_cell.length_c   366.480
_cell.angle_alpha   90.00
_cell.angle_beta   90.00
_cell.angle_gamma   90.00
#
_symmetry.space_group_name_H-M   'P 41 21 2'
#
loop_
_entity.id
_entity.type
_entity.pdbx_description
1 polymer 'Interleukin-12 subunit beta'
2 polymer 'Interleukin-23 subunit alpha'
3 polymer 'ALPHABODY MA12'
4 branched alpha-D-mannopyranose-(1-3)-[alpha-D-mannopyranose-(1-6)]beta-D-mannopyranose-(1-4)-2-acetamido-2-deoxy-beta-D-glucopyranose-(1-4)-2-acetamido-2-deoxy-beta-D-glucopyranose
#
loop_
_entity_poly.entity_id
_entity_poly.type
_entity_poly.pdbx_seq_one_letter_code
_entity_poly.pdbx_strand_id
1 'polypeptide(L)'
;IWELKKDVYVVELDWYPDAPGEMVVLTCDTPEEDGITWTLDQSSEVLGSGKTLTIQVKEFGDAGQYTCHKGGEVLSHSLL
LLHKKEDGIWSTDILKDQKEPKNKTFLRCEAKNYSGRFTCWWLTTISTDLTFSVKSSRGSSDPQGVTCGAATLSAERVRG
DNKEYEYSVECQEDSACPAAEESLPIEVMVDAVHKLKYENYTSSFFIRDIIKPDPPKNLQLKPLKNSRQVEVSWEYPDTW
STPHSYFSLTFCVQVQGKSKREKKDRVFTDKTSATVICRKNASISVRAQDRYYSSSWSEWASVPCS
;
A
2 'polypeptide(L)'
;RAVPGGSSPAWTQCQQLSQKLCTLAWSAHPLVGHMDLREEGDEETTNDVPHIQCGDGCDPQGLRDNSQFCLQRIHQGLIF
YEKLLGSDIFTGEPSLLPDSPVGQLHASLLGLSQLLQPEGHHWETQQIPSLSPSQPWQRLLLRFKILRSLQAFVAVAARV
FAHGAATLSPGTKHHHHHH
;
B
3 'polypeptide(L)'
;HMSIQEIQKEIAQIQAVIAGIQKYIYTMTGGSGGSGGGGSGGSGGMSIEEIQKQIAAIQCQIAAIQKQIYAMTGSGGGGS
GGSGGGGSGMSIEEIQKQIAAIQEQILAIYKQIMAMVT
;
C
#
loop_
_chem_comp.id
_chem_comp.type
_chem_comp.name
_chem_comp.formula
BMA D-saccharide, beta linking beta-D-mannopyranose 'C6 H12 O6'
MAN D-saccharide, alpha linking alpha-D-mannopyranose 'C6 H12 O6'
NAG D-saccharide, beta linking 2-acetamido-2-deoxy-beta-D-glucopyranose 'C8 H15 N O6'
#
# COMPACT_ATOMS: atom_id res chain seq x y z
N ILE A 1 18.49 4.05 -24.97
CA ILE A 1 19.53 3.90 -23.96
C ILE A 1 19.47 5.06 -22.98
N TRP A 2 19.60 4.76 -21.70
CA TRP A 2 19.62 5.78 -20.65
C TRP A 2 20.67 5.39 -19.62
N GLU A 3 21.09 6.38 -18.83
CA GLU A 3 22.17 6.19 -17.88
C GLU A 3 21.62 5.75 -16.53
N LEU A 4 22.02 4.57 -16.08
CA LEU A 4 21.60 4.06 -14.77
C LEU A 4 22.43 4.67 -13.66
N LYS A 5 23.75 4.69 -13.83
CA LYS A 5 24.68 5.38 -12.96
C LYS A 5 25.93 5.65 -13.76
N LYS A 6 26.91 6.31 -13.14
CA LYS A 6 28.12 6.70 -13.86
C LYS A 6 28.66 5.53 -14.65
N ASP A 7 28.83 5.73 -15.96
CA ASP A 7 29.46 4.74 -16.84
C ASP A 7 28.67 3.45 -16.94
N VAL A 8 27.39 3.46 -16.56
CA VAL A 8 26.53 2.27 -16.68
C VAL A 8 25.24 2.67 -17.38
N TYR A 9 24.91 1.94 -18.45
CA TYR A 9 23.77 2.28 -19.30
C TYR A 9 22.88 1.05 -19.47
N VAL A 10 21.58 1.31 -19.65
CA VAL A 10 20.57 0.27 -19.85
C VAL A 10 20.00 0.39 -21.25
N VAL A 11 19.99 -0.72 -21.98
CA VAL A 11 19.41 -0.81 -23.32
C VAL A 11 18.14 -1.64 -23.27
N GLU A 12 17.00 -1.01 -23.56
CA GLU A 12 15.72 -1.70 -23.58
C GLU A 12 15.55 -2.45 -24.90
N LEU A 13 15.14 -3.70 -24.84
CA LEU A 13 15.03 -4.56 -26.02
C LEU A 13 13.71 -5.30 -26.04
N ASP A 14 13.03 -5.27 -27.18
CA ASP A 14 11.95 -6.20 -27.47
C ASP A 14 12.53 -7.60 -27.70
N TRP A 15 12.18 -8.54 -26.82
CA TRP A 15 12.93 -9.78 -26.65
C TRP A 15 12.14 -10.95 -27.21
N TYR A 16 12.67 -11.55 -28.28
CA TYR A 16 12.10 -12.73 -28.91
C TYR A 16 13.16 -13.31 -29.85
N PRO A 17 13.05 -14.58 -30.22
CA PRO A 17 14.12 -15.21 -30.99
C PRO A 17 14.38 -14.49 -32.30
N ASP A 18 15.66 -14.23 -32.58
CA ASP A 18 16.10 -13.57 -33.80
C ASP A 18 15.63 -12.13 -33.90
N ALA A 19 15.33 -11.49 -32.77
CA ALA A 19 14.96 -10.09 -32.77
C ALA A 19 16.15 -9.24 -33.23
N PRO A 20 15.91 -8.18 -34.00
CA PRO A 20 17.03 -7.34 -34.48
C PRO A 20 17.62 -6.42 -33.41
N GLY A 21 16.89 -6.17 -32.32
CA GLY A 21 17.44 -5.36 -31.25
C GLY A 21 17.49 -3.89 -31.62
N GLU A 22 18.45 -3.18 -31.03
CA GLU A 22 18.52 -1.73 -31.11
C GLU A 22 19.93 -1.30 -31.47
N MET A 23 20.03 -0.26 -32.30
CA MET A 23 21.31 0.38 -32.59
C MET A 23 21.64 1.38 -31.48
N VAL A 24 22.90 1.40 -31.07
CA VAL A 24 23.38 2.29 -30.02
C VAL A 24 24.67 2.96 -30.50
N VAL A 25 24.86 4.20 -30.08
CA VAL A 25 26.11 4.93 -30.33
C VAL A 25 26.73 5.29 -29.00
N LEU A 26 27.92 4.75 -28.73
CA LEU A 26 28.70 5.06 -27.55
C LEU A 26 29.72 6.13 -27.87
N THR A 27 29.90 7.08 -26.97
CA THR A 27 30.91 8.13 -27.11
C THR A 27 31.96 7.95 -26.03
N CYS A 28 33.23 7.92 -26.43
CA CYS A 28 34.33 7.84 -25.45
C CYS A 28 34.35 9.12 -24.62
N ASP A 29 34.35 8.97 -23.30
CA ASP A 29 34.32 10.12 -22.38
C ASP A 29 35.73 10.67 -22.17
N THR A 30 36.16 11.51 -23.10
CA THR A 30 37.53 12.02 -23.13
C THR A 30 37.53 13.33 -23.89
N PRO A 31 38.50 14.22 -23.64
CA PRO A 31 38.64 15.39 -24.52
C PRO A 31 39.32 15.02 -25.83
N GLU A 32 40.15 13.98 -25.79
CA GLU A 32 40.95 13.55 -26.93
C GLU A 32 40.05 13.24 -28.12
N GLU A 33 40.64 13.33 -29.32
CA GLU A 33 39.93 13.02 -30.56
C GLU A 33 40.62 12.04 -31.51
N ASP A 34 41.89 11.70 -31.31
CA ASP A 34 42.63 10.85 -32.25
C ASP A 34 43.26 9.65 -31.56
N GLY A 35 43.43 8.58 -32.34
CA GLY A 35 44.17 7.39 -31.95
C GLY A 35 43.51 6.50 -30.92
N ILE A 36 42.20 6.36 -30.99
CA ILE A 36 41.40 5.59 -30.04
C ILE A 36 40.94 4.28 -30.68
N THR A 37 40.93 3.23 -29.86
CA THR A 37 40.40 1.92 -30.23
C THR A 37 39.48 1.45 -29.12
N TRP A 38 38.61 0.51 -29.46
CA TRP A 38 37.58 0.01 -28.56
C TRP A 38 37.73 -1.50 -28.42
N THR A 39 37.44 -1.99 -27.22
CA THR A 39 37.38 -3.43 -26.97
C THR A 39 36.17 -3.73 -26.10
N LEU A 40 35.90 -5.01 -25.92
CA LEU A 40 34.80 -5.49 -25.10
C LEU A 40 35.28 -6.55 -24.11
N ASP A 41 34.96 -6.33 -22.84
CA ASP A 41 35.24 -7.28 -21.75
C ASP A 41 36.72 -7.64 -21.79
N GLN A 42 37.09 -8.92 -21.78
CA GLN A 42 38.49 -9.30 -21.63
C GLN A 42 39.23 -9.31 -22.96
N SER A 43 38.52 -9.50 -24.08
CA SER A 43 39.19 -9.61 -25.36
C SER A 43 39.93 -8.31 -25.69
N SER A 44 41.07 -8.44 -26.35
CA SER A 44 41.83 -7.29 -26.82
C SER A 44 41.53 -6.92 -28.26
N GLU A 45 40.81 -7.78 -28.99
CA GLU A 45 40.37 -7.48 -30.35
C GLU A 45 39.74 -6.10 -30.43
N VAL A 46 40.32 -5.24 -31.27
CA VAL A 46 39.79 -3.90 -31.47
C VAL A 46 38.50 -3.99 -32.28
N LEU A 47 37.40 -3.58 -31.67
CA LEU A 47 36.09 -3.62 -32.30
C LEU A 47 35.83 -2.41 -33.20
N GLY A 48 36.57 -1.33 -33.03
CA GLY A 48 36.32 -0.13 -33.80
C GLY A 48 37.30 0.96 -33.42
N SER A 49 37.36 1.98 -34.26
CA SER A 49 38.23 3.13 -34.06
C SER A 49 37.44 4.42 -34.13
N GLY A 50 37.94 5.42 -33.41
CA GLY A 50 37.38 6.76 -33.41
C GLY A 50 36.76 7.12 -32.07
N LYS A 51 36.35 8.38 -31.97
CA LYS A 51 35.77 8.88 -30.73
C LYS A 51 34.52 8.11 -30.35
N THR A 52 33.75 7.65 -31.34
CA THR A 52 32.49 6.96 -31.09
C THR A 52 32.53 5.55 -31.70
N LEU A 53 31.69 4.68 -31.14
CA LEU A 53 31.56 3.30 -31.60
C LEU A 53 30.08 2.97 -31.78
N THR A 54 29.73 2.48 -32.97
CA THR A 54 28.37 2.06 -33.28
C THR A 54 28.26 0.54 -33.21
N ILE A 55 27.29 0.04 -32.43
CA ILE A 55 27.10 -1.39 -32.24
C ILE A 55 25.62 -1.73 -32.31
N GLN A 56 25.33 -2.95 -32.75
CA GLN A 56 23.98 -3.52 -32.76
C GLN A 56 23.80 -4.40 -31.53
N VAL A 57 22.87 -4.03 -30.66
CA VAL A 57 22.61 -4.76 -29.42
C VAL A 57 21.35 -5.60 -29.62
N LYS A 58 21.53 -6.93 -29.66
CA LYS A 58 20.41 -7.85 -29.82
C LYS A 58 20.50 -9.09 -28.97
N GLU A 59 21.64 -9.37 -28.30
CA GLU A 59 21.73 -10.50 -27.39
C GLU A 59 22.77 -10.17 -26.33
N PHE A 60 22.93 -11.06 -25.35
CA PHE A 60 23.80 -10.77 -24.22
C PHE A 60 25.27 -10.73 -24.63
N GLY A 61 25.62 -11.40 -25.74
CA GLY A 61 26.97 -11.29 -26.27
C GLY A 61 27.35 -9.91 -26.74
N ASP A 62 26.37 -9.04 -26.97
CA ASP A 62 26.62 -7.66 -27.34
C ASP A 62 26.64 -6.71 -26.15
N ALA A 63 26.26 -7.19 -24.97
CA ALA A 63 26.31 -6.41 -23.74
C ALA A 63 27.65 -6.61 -23.06
N GLY A 64 27.87 -5.84 -22.01
CA GLY A 64 29.09 -5.90 -21.23
C GLY A 64 29.82 -4.57 -21.21
N GLN A 65 31.09 -4.63 -20.80
CA GLN A 65 31.87 -3.42 -20.54
C GLN A 65 32.68 -3.05 -21.77
N TYR A 66 32.27 -1.97 -22.44
CA TYR A 66 33.01 -1.42 -23.57
C TYR A 66 34.02 -0.39 -23.08
N THR A 67 35.27 -0.54 -23.51
CA THR A 67 36.38 0.29 -23.06
C THR A 67 37.05 0.94 -24.26
N CYS A 68 37.28 2.24 -24.19
CA CYS A 68 38.07 2.95 -25.19
C CYS A 68 39.44 3.27 -24.62
N HIS A 69 40.44 3.28 -25.50
CA HIS A 69 41.82 3.45 -25.12
C HIS A 69 42.49 4.44 -26.07
N LYS A 70 43.54 5.09 -25.59
CA LYS A 70 44.42 5.86 -26.46
C LYS A 70 45.83 5.79 -25.88
N GLY A 71 46.81 5.63 -26.76
CA GLY A 71 48.19 5.53 -26.31
C GLY A 71 48.40 4.39 -25.35
N GLY A 72 47.66 3.29 -25.52
CA GLY A 72 47.73 2.18 -24.61
C GLY A 72 47.02 2.37 -23.29
N GLU A 73 46.61 3.60 -22.97
CA GLU A 73 45.92 3.89 -21.72
C GLU A 73 44.41 3.81 -21.86
N VAL A 74 43.74 3.34 -20.80
CA VAL A 74 42.29 3.30 -20.75
C VAL A 74 41.79 4.72 -20.50
N LEU A 75 40.85 5.17 -21.33
CA LEU A 75 40.23 6.48 -21.14
C LEU A 75 38.96 6.40 -20.29
N SER A 76 38.08 5.45 -20.57
CA SER A 76 36.80 5.37 -19.88
C SER A 76 36.26 3.95 -20.02
N HIS A 77 35.19 3.68 -19.28
CA HIS A 77 34.46 2.43 -19.38
C HIS A 77 32.97 2.73 -19.54
N SER A 78 32.28 1.84 -20.26
CA SER A 78 30.82 1.92 -20.36
C SER A 78 30.26 0.50 -20.28
N LEU A 79 29.51 0.23 -19.22
CA LEU A 79 28.82 -1.04 -19.02
C LEU A 79 27.41 -0.96 -19.59
N LEU A 80 27.09 -1.83 -20.55
CA LEU A 80 25.75 -1.91 -21.10
C LEU A 80 25.03 -3.12 -20.50
N LEU A 81 23.84 -2.87 -19.97
CA LEU A 81 22.94 -3.91 -19.48
C LEU A 81 21.69 -3.97 -20.36
N LEU A 82 21.05 -5.14 -20.40
CA LEU A 82 19.85 -5.33 -21.19
C LEU A 82 18.62 -5.43 -20.30
N HIS A 83 17.57 -4.70 -20.68
CA HIS A 83 16.25 -4.80 -20.07
C HIS A 83 15.30 -5.45 -21.08
N LYS A 84 14.95 -6.70 -20.85
CA LYS A 84 14.11 -7.45 -21.78
C LYS A 84 12.66 -7.01 -21.65
N LYS A 85 12.02 -6.75 -22.79
CA LYS A 85 10.58 -6.57 -22.90
C LYS A 85 9.99 -7.75 -23.65
N GLU A 86 9.18 -8.56 -22.96
CA GLU A 86 8.61 -9.78 -23.52
C GLU A 86 7.12 -9.55 -23.74
N ASP A 87 6.72 -9.42 -25.00
CA ASP A 87 5.31 -9.17 -25.36
C ASP A 87 4.79 -7.92 -24.66
N GLY A 88 5.56 -6.84 -24.76
CA GLY A 88 5.16 -5.58 -24.16
C GLY A 88 5.27 -5.54 -22.65
N ILE A 89 5.82 -6.58 -22.02
CA ILE A 89 5.92 -6.67 -20.57
C ILE A 89 7.39 -6.83 -20.22
N TRP A 90 7.86 -6.03 -19.25
CA TRP A 90 9.24 -6.15 -18.79
C TRP A 90 9.41 -7.46 -18.02
N SER A 91 10.57 -8.09 -18.21
CA SER A 91 10.83 -9.40 -17.64
C SER A 91 10.93 -9.33 -16.13
N THR A 92 10.50 -10.41 -15.47
CA THR A 92 10.60 -10.57 -14.02
C THR A 92 11.18 -11.94 -13.70
N ASP A 93 12.29 -12.27 -14.35
CA ASP A 93 12.95 -13.55 -14.15
C ASP A 93 13.63 -13.62 -12.79
N ILE A 94 14.15 -12.50 -12.29
CA ILE A 94 15.07 -12.56 -11.16
C ILE A 94 14.35 -12.82 -9.85
N LEU A 95 13.21 -12.16 -9.63
CA LEU A 95 12.48 -12.31 -8.38
C LEU A 95 11.28 -13.24 -8.53
N LYS A 96 10.98 -13.94 -7.44
CA LYS A 96 9.83 -14.85 -7.38
C LYS A 96 8.55 -14.09 -7.04
N ASP A 97 7.51 -14.31 -7.84
CA ASP A 97 6.19 -13.74 -7.57
C ASP A 97 5.58 -14.38 -6.32
N GLN A 98 5.37 -13.59 -5.27
CA GLN A 98 4.78 -14.09 -4.04
C GLN A 98 3.26 -14.18 -4.11
N LYS A 99 2.61 -13.60 -5.12
CA LYS A 99 1.19 -13.81 -5.40
C LYS A 99 0.31 -13.48 -4.19
N GLU A 100 0.78 -12.65 -3.27
CA GLU A 100 -0.04 -12.20 -2.16
C GLU A 100 0.43 -10.81 -1.75
N PRO A 101 -0.48 -9.83 -1.58
CA PRO A 101 -1.95 -9.94 -1.62
C PRO A 101 -2.56 -9.98 -3.03
N LYS A 102 -1.75 -9.90 -4.09
CA LYS A 102 -2.28 -9.98 -5.44
C LYS A 102 -1.17 -10.42 -6.39
N ASN A 103 -1.55 -10.66 -7.63
CA ASN A 103 -0.59 -11.07 -8.65
C ASN A 103 0.47 -10.01 -8.86
N LYS A 104 1.66 -10.45 -9.22
CA LYS A 104 2.79 -9.55 -9.49
C LYS A 104 3.19 -8.81 -8.22
N THR A 105 3.21 -9.52 -7.10
CA THR A 105 3.72 -8.99 -5.83
C THR A 105 5.11 -9.59 -5.61
N PHE A 106 6.14 -8.79 -5.87
CA PHE A 106 7.52 -9.24 -5.75
C PHE A 106 8.19 -8.73 -4.48
N LEU A 107 7.75 -7.57 -3.99
CA LEU A 107 8.29 -6.98 -2.77
C LEU A 107 7.21 -7.00 -1.69
N ARG A 108 7.63 -7.36 -0.47
CA ARG A 108 6.77 -7.29 0.71
C ARG A 108 7.45 -6.42 1.75
N CYS A 109 6.71 -5.48 2.32
CA CYS A 109 7.23 -4.54 3.31
C CYS A 109 6.40 -4.59 4.58
N GLU A 110 7.07 -4.35 5.71
CA GLU A 110 6.45 -4.33 7.02
C GLU A 110 7.07 -3.23 7.87
N ALA A 111 6.27 -2.63 8.73
CA ALA A 111 6.74 -1.67 9.73
C ALA A 111 6.30 -2.13 11.12
N LYS A 112 7.19 -2.01 12.09
CA LYS A 112 6.84 -2.36 13.47
C LYS A 112 6.12 -1.24 14.20
N ASN A 113 6.08 -0.04 13.63
CA ASN A 113 5.60 1.15 14.33
C ASN A 113 5.45 2.26 13.30
N TYR A 114 5.13 3.46 13.77
CA TYR A 114 4.92 4.62 12.92
C TYR A 114 6.16 5.51 12.83
N SER A 115 7.32 4.98 13.22
CA SER A 115 8.52 5.79 13.30
C SER A 115 8.95 6.34 11.95
N GLY A 116 8.49 5.73 10.86
CA GLY A 116 9.03 5.97 9.54
C GLY A 116 10.06 4.97 9.08
N ARG A 117 10.47 4.03 9.94
CA ARG A 117 11.34 2.94 9.51
C ARG A 117 10.49 1.74 9.10
N PHE A 118 10.97 1.02 8.08
CA PHE A 118 10.30 -0.19 7.65
C PHE A 118 11.32 -1.10 6.99
N THR A 119 10.93 -2.36 6.80
CA THR A 119 11.80 -3.34 6.18
C THR A 119 11.06 -3.97 5.01
N CYS A 120 11.77 -4.23 3.92
CA CYS A 120 11.21 -4.89 2.75
C CYS A 120 12.06 -6.11 2.44
N TRP A 121 11.42 -7.16 1.90
CA TRP A 121 12.14 -8.37 1.54
C TRP A 121 11.62 -8.89 0.21
N TRP A 122 12.49 -9.59 -0.52
CA TRP A 122 12.10 -10.24 -1.76
C TRP A 122 12.88 -11.54 -1.87
N LEU A 123 12.46 -12.39 -2.81
CA LEU A 123 13.02 -13.71 -2.95
C LEU A 123 13.50 -13.96 -4.37
N THR A 124 14.59 -14.71 -4.48
CA THR A 124 15.14 -15.10 -5.76
C THR A 124 15.79 -16.46 -5.57
N THR A 125 15.84 -17.24 -6.64
CA THR A 125 16.61 -18.48 -6.61
C THR A 125 18.03 -18.30 -7.12
N ILE A 126 18.38 -17.12 -7.65
CA ILE A 126 19.66 -16.94 -8.32
C ILE A 126 20.74 -16.52 -7.32
N SER A 127 21.91 -17.16 -7.43
CA SER A 127 23.02 -16.97 -6.52
C SER A 127 24.22 -16.27 -7.14
N THR A 128 24.09 -15.70 -8.35
CA THR A 128 25.23 -15.49 -9.24
C THR A 128 25.31 -14.04 -9.69
N ASP A 129 26.45 -13.39 -9.44
CA ASP A 129 26.72 -12.05 -10.01
C ASP A 129 25.54 -11.13 -9.79
N LEU A 130 24.94 -11.20 -8.61
CA LEU A 130 23.65 -10.59 -8.35
C LEU A 130 23.83 -9.35 -7.49
N THR A 131 23.30 -8.23 -7.99
CA THR A 131 23.39 -6.94 -7.35
C THR A 131 21.99 -6.34 -7.28
N PHE A 132 21.66 -5.76 -6.13
CA PHE A 132 20.43 -5.02 -5.97
C PHE A 132 20.74 -3.60 -5.55
N SER A 133 19.87 -2.67 -5.95
CA SER A 133 20.00 -1.28 -5.51
C SER A 133 18.61 -0.76 -5.17
N VAL A 134 18.50 -0.11 -4.02
CA VAL A 134 17.22 0.32 -3.47
C VAL A 134 17.25 1.83 -3.29
N LYS A 135 16.19 2.49 -3.78
CA LYS A 135 15.95 3.90 -3.54
C LYS A 135 14.49 4.05 -3.11
N SER A 136 14.19 5.12 -2.39
CA SER A 136 12.82 5.33 -1.94
C SER A 136 12.53 6.82 -1.81
N SER A 137 11.24 7.15 -1.93
CA SER A 137 10.75 8.49 -1.68
C SER A 137 9.29 8.39 -1.23
N ARG A 138 8.77 9.49 -0.69
CA ARG A 138 7.35 9.65 -0.47
C ARG A 138 6.80 10.59 -1.53
N GLY A 139 5.88 10.11 -2.34
CA GLY A 139 5.42 10.89 -3.48
C GLY A 139 6.29 10.70 -4.69
N SER A 140 5.68 10.88 -5.86
CA SER A 140 6.38 10.73 -7.13
C SER A 140 6.61 12.04 -7.87
N SER A 141 5.60 12.92 -7.92
CA SER A 141 5.77 14.19 -8.62
C SER A 141 6.61 15.16 -7.81
N ASP A 142 6.57 15.07 -6.47
CA ASP A 142 7.31 15.98 -5.59
C ASP A 142 7.95 15.14 -4.50
N PRO A 143 8.95 14.32 -4.85
CA PRO A 143 9.40 13.25 -3.96
C PRO A 143 10.07 13.78 -2.70
N GLN A 144 9.70 13.21 -1.56
CA GLN A 144 10.36 13.54 -0.29
C GLN A 144 11.38 12.46 0.05
N GLY A 145 12.46 12.88 0.71
CA GLY A 145 13.63 12.03 0.84
C GLY A 145 13.39 10.83 1.74
N VAL A 146 13.82 9.66 1.29
CA VAL A 146 13.88 8.46 2.13
C VAL A 146 15.26 7.83 1.91
N THR A 147 15.92 7.47 3.01
CA THR A 147 17.24 6.83 2.95
C THR A 147 17.09 5.35 3.28
N CYS A 148 17.67 4.51 2.44
CA CYS A 148 17.72 3.07 2.68
C CYS A 148 19.16 2.61 2.86
N GLY A 149 19.31 1.45 3.48
CA GLY A 149 20.58 0.77 3.59
C GLY A 149 20.84 -0.14 2.40
N ALA A 150 21.82 -1.01 2.56
CA ALA A 150 22.14 -1.97 1.52
C ALA A 150 21.24 -3.18 1.64
N ALA A 151 20.90 -3.78 0.51
CA ALA A 151 20.17 -5.03 0.51
C ALA A 151 21.14 -6.18 0.70
N THR A 152 20.82 -7.08 1.64
CA THR A 152 21.69 -8.21 1.93
C THR A 152 20.88 -9.45 2.24
N LEU A 153 21.55 -10.60 2.12
CA LEU A 153 20.92 -11.88 2.43
C LEU A 153 20.46 -11.89 3.88
N SER A 154 19.19 -12.26 4.10
CA SER A 154 18.69 -12.40 5.46
C SER A 154 18.30 -13.83 5.82
N ALA A 155 18.09 -14.71 4.84
CA ALA A 155 17.78 -16.09 5.12
C ALA A 155 17.98 -16.93 3.87
N GLU A 156 18.23 -18.22 4.07
CA GLU A 156 18.26 -19.18 2.98
C GLU A 156 17.43 -20.39 3.38
N ARG A 157 16.51 -20.78 2.51
CA ARG A 157 15.63 -21.92 2.78
C ARG A 157 15.30 -22.66 1.49
N GLU A 164 15.69 -21.33 -1.81
CA GLU A 164 15.09 -20.00 -1.91
C GLU A 164 15.86 -19.03 -1.00
N TYR A 165 16.36 -17.96 -1.59
CA TYR A 165 17.15 -16.95 -0.88
C TYR A 165 16.33 -15.69 -0.63
N GLU A 166 16.31 -15.25 0.63
CA GLU A 166 15.59 -14.04 1.04
C GLU A 166 16.58 -12.91 1.29
N TYR A 167 16.27 -11.74 0.72
CA TYR A 167 17.05 -10.52 0.91
C TYR A 167 16.21 -9.50 1.68
N SER A 168 16.87 -8.67 2.48
CA SER A 168 16.18 -7.59 3.18
C SER A 168 16.97 -6.28 3.12
N VAL A 169 16.23 -5.17 3.21
CA VAL A 169 16.79 -3.83 3.25
C VAL A 169 16.02 -3.00 4.27
N GLU A 170 16.73 -2.07 4.91
CA GLU A 170 16.13 -1.16 5.89
C GLU A 170 16.09 0.26 5.33
N CYS A 171 14.94 0.91 5.47
CA CYS A 171 14.75 2.29 5.04
C CYS A 171 14.19 3.12 6.19
N GLN A 172 14.36 4.44 6.07
CA GLN A 172 13.84 5.37 7.08
C GLN A 172 13.53 6.69 6.39
N GLU A 173 12.29 7.14 6.53
CA GLU A 173 11.90 8.46 6.04
C GLU A 173 12.68 9.55 6.76
N ASP A 174 13.22 10.50 5.99
CA ASP A 174 14.13 11.48 6.56
C ASP A 174 13.40 12.42 7.53
N SER A 175 12.19 12.87 7.16
CA SER A 175 11.41 13.79 8.00
C SER A 175 10.04 13.16 8.22
N ALA A 176 9.95 12.27 9.21
CA ALA A 176 8.72 11.53 9.47
C ALA A 176 7.83 12.28 10.45
N CYS A 177 6.52 12.03 10.34
CA CYS A 177 5.52 12.59 11.25
C CYS A 177 4.62 11.48 11.75
N PRO A 178 5.02 10.75 12.79
CA PRO A 178 4.28 9.55 13.19
C PRO A 178 2.80 9.80 13.39
N ALA A 179 2.43 10.98 13.86
CA ALA A 179 1.04 11.27 14.18
C ALA A 179 0.23 11.74 12.97
N ALA A 180 0.88 12.14 11.89
CA ALA A 180 0.15 12.73 10.77
C ALA A 180 -0.63 11.67 9.99
N GLU A 181 -1.61 12.15 9.23
CA GLU A 181 -2.35 11.34 8.25
C GLU A 181 -1.61 11.36 6.92
N GLU A 182 -0.94 10.26 6.60
CA GLU A 182 -0.24 10.19 5.32
C GLU A 182 -1.21 10.43 4.17
N SER A 183 -0.78 11.26 3.22
CA SER A 183 -1.53 11.51 2.00
C SER A 183 -0.81 11.05 0.76
N LEU A 184 0.50 10.85 0.82
CA LEU A 184 1.27 10.32 -0.27
C LEU A 184 1.91 9.00 0.13
N PRO A 185 1.86 7.98 -0.72
CA PRO A 185 2.43 6.69 -0.34
C PRO A 185 3.95 6.70 -0.44
N ILE A 186 4.57 5.82 0.34
CA ILE A 186 5.97 5.48 0.12
C ILE A 186 6.10 4.70 -1.19
N GLU A 187 7.15 5.03 -1.94
CA GLU A 187 7.53 4.25 -3.11
C GLU A 187 8.87 3.59 -2.82
N VAL A 188 8.96 2.29 -3.08
CA VAL A 188 10.21 1.54 -3.01
C VAL A 188 10.54 1.07 -4.42
N MET A 189 11.80 1.26 -4.82
CA MET A 189 12.26 0.90 -6.15
C MET A 189 13.52 0.05 -6.03
N VAL A 190 13.50 -1.12 -6.66
CA VAL A 190 14.60 -2.07 -6.58
C VAL A 190 15.13 -2.33 -7.97
N ASP A 191 16.41 -2.00 -8.19
CA ASP A 191 17.14 -2.47 -9.35
C ASP A 191 17.73 -3.84 -9.07
N ALA A 192 17.64 -4.73 -10.06
CA ALA A 192 18.16 -6.10 -9.96
C ALA A 192 18.99 -6.38 -11.20
N VAL A 193 20.22 -6.83 -11.02
CA VAL A 193 21.12 -7.17 -12.12
C VAL A 193 21.68 -8.58 -11.94
N HIS A 194 21.43 -9.44 -12.93
CA HIS A 194 21.93 -10.81 -12.98
C HIS A 194 22.81 -10.96 -14.22
N LYS A 195 24.12 -11.06 -14.02
CA LYS A 195 25.06 -11.02 -15.12
C LYS A 195 24.87 -9.68 -15.83
N LEU A 196 24.36 -9.72 -17.06
CA LEU A 196 24.11 -8.52 -17.85
C LEU A 196 22.61 -8.29 -18.06
N LYS A 197 21.78 -8.96 -17.27
CA LYS A 197 20.33 -8.84 -17.39
C LYS A 197 19.89 -7.85 -16.32
N TYR A 198 19.25 -6.77 -16.76
CA TYR A 198 18.72 -5.77 -15.86
C TYR A 198 17.21 -5.92 -15.74
N GLU A 199 16.71 -5.83 -14.51
CA GLU A 199 15.28 -5.76 -14.26
C GLU A 199 15.07 -4.77 -13.13
N ASN A 200 13.83 -4.28 -12.99
CA ASN A 200 13.53 -3.49 -11.80
C ASN A 200 12.08 -3.70 -11.38
N TYR A 201 11.81 -3.33 -10.13
CA TYR A 201 10.61 -3.68 -9.39
C TYR A 201 10.21 -2.49 -8.53
N THR A 202 8.93 -2.40 -8.21
CA THR A 202 8.41 -1.28 -7.44
C THR A 202 7.31 -1.77 -6.51
N SER A 203 7.18 -1.09 -5.38
CA SER A 203 6.05 -1.24 -4.47
C SER A 203 5.63 0.13 -3.97
N SER A 204 4.33 0.33 -3.81
CA SER A 204 3.78 1.58 -3.32
C SER A 204 2.79 1.31 -2.21
N PHE A 205 2.92 2.03 -1.10
CA PHE A 205 2.09 1.76 0.06
C PHE A 205 2.12 2.95 1.01
N PHE A 206 1.11 3.00 1.87
CA PHE A 206 1.14 3.82 3.07
C PHE A 206 1.71 3.00 4.22
N ILE A 207 2.52 3.64 5.06
CA ILE A 207 3.05 2.97 6.24
C ILE A 207 1.92 2.34 7.04
N ARG A 208 0.81 3.06 7.18
CA ARG A 208 -0.28 2.57 8.03
C ARG A 208 -0.82 1.23 7.54
N ASP A 209 -0.71 0.95 6.24
CA ASP A 209 -1.22 -0.30 5.69
C ASP A 209 -0.26 -1.48 5.85
N ILE A 210 1.02 -1.24 6.13
CA ILE A 210 1.99 -2.31 6.32
C ILE A 210 2.39 -2.47 7.79
N ILE A 211 1.69 -1.79 8.71
CA ILE A 211 1.98 -1.94 10.13
C ILE A 211 1.75 -3.39 10.58
N LYS A 212 2.71 -3.92 11.34
CA LYS A 212 2.54 -5.16 12.07
C LYS A 212 3.28 -5.08 13.40
N PRO A 213 2.59 -4.94 14.53
CA PRO A 213 3.31 -4.77 15.81
C PRO A 213 4.09 -6.02 16.19
N ASP A 214 5.16 -5.80 16.97
CA ASP A 214 5.82 -6.89 17.68
C ASP A 214 4.86 -7.55 18.67
N PRO A 215 5.16 -8.76 19.13
CA PRO A 215 4.26 -9.46 20.05
C PRO A 215 4.18 -8.77 21.40
N PRO A 216 3.09 -8.99 22.14
CA PRO A 216 3.04 -8.55 23.55
C PRO A 216 4.26 -8.94 24.37
N LYS A 217 4.67 -8.04 25.26
CA LYS A 217 5.85 -8.21 26.11
C LYS A 217 5.49 -8.71 27.50
N ASN A 218 6.37 -9.54 28.06
CA ASN A 218 6.32 -9.94 29.47
C ASN A 218 4.95 -10.50 29.89
N LEU A 219 4.46 -11.48 29.15
CA LEU A 219 3.20 -12.13 29.49
C LEU A 219 3.37 -12.96 30.77
N GLN A 220 2.56 -12.65 31.80
CA GLN A 220 2.60 -13.28 33.12
C GLN A 220 1.21 -13.73 33.58
N LEU A 221 1.17 -14.75 34.45
CA LEU A 221 -0.08 -15.26 35.03
C LEU A 221 -0.06 -15.10 36.56
N LYS A 222 -1.21 -14.61 37.06
CA LYS A 222 -1.58 -14.43 38.47
C LYS A 222 -2.76 -15.30 38.92
N PRO A 223 -2.57 -16.36 39.71
CA PRO A 223 -3.71 -17.22 40.07
C PRO A 223 -4.70 -16.52 41.00
N LEU A 224 -5.97 -16.90 40.83
CA LEU A 224 -7.10 -16.42 41.65
C LEU A 224 -7.99 -17.59 42.05
N LYS A 225 -8.33 -17.66 43.33
CA LYS A 225 -9.17 -18.75 43.85
C LYS A 225 -10.55 -18.78 43.20
N VAL A 230 -6.08 -17.22 37.76
CA VAL A 230 -5.70 -17.22 36.36
C VAL A 230 -5.96 -15.84 35.76
N GLU A 231 -5.25 -14.85 36.31
CA GLU A 231 -5.28 -13.47 35.82
C GLU A 231 -4.12 -13.27 34.86
N VAL A 232 -4.44 -12.90 33.62
CA VAL A 232 -3.43 -12.75 32.58
C VAL A 232 -3.10 -11.27 32.46
N SER A 233 -1.81 -10.97 32.35
CA SER A 233 -1.33 -9.61 32.15
C SER A 233 -0.14 -9.60 31.22
N TRP A 234 0.09 -8.46 30.58
CA TRP A 234 1.17 -8.30 29.61
C TRP A 234 1.43 -6.81 29.44
N GLU A 235 2.42 -6.49 28.60
CA GLU A 235 2.80 -5.11 28.34
C GLU A 235 2.93 -4.87 26.85
N TYR A 236 2.86 -3.59 26.47
CA TYR A 236 3.11 -3.20 25.09
C TYR A 236 4.54 -3.59 24.71
N PRO A 237 4.78 -3.91 23.43
CA PRO A 237 6.15 -4.22 23.01
C PRO A 237 7.02 -2.97 23.02
N ASP A 238 8.31 -3.18 23.32
CA ASP A 238 9.27 -2.09 23.42
C ASP A 238 9.33 -1.26 22.14
N THR A 239 9.18 -1.88 20.99
CA THR A 239 9.35 -1.21 19.70
C THR A 239 8.13 -0.42 19.26
N TRP A 240 7.01 -0.54 19.95
CA TRP A 240 5.78 0.12 19.51
C TRP A 240 5.85 1.63 19.73
N SER A 241 5.08 2.35 18.92
CA SER A 241 5.09 3.81 18.95
C SER A 241 4.62 4.32 20.31
N THR A 242 5.22 5.43 20.73
CA THR A 242 4.91 6.11 21.97
C THR A 242 4.38 7.52 21.69
N PRO A 243 3.56 8.09 22.59
CA PRO A 243 3.05 7.49 23.84
C PRO A 243 1.95 6.47 23.60
N HIS A 244 1.87 5.43 24.43
CA HIS A 244 0.84 4.43 24.23
C HIS A 244 -0.56 5.01 24.41
N SER A 245 -0.70 6.10 25.16
CA SER A 245 -1.99 6.75 25.32
C SER A 245 -2.48 7.34 24.00
N TYR A 246 -1.56 7.61 23.06
CA TYR A 246 -1.89 8.07 21.73
C TYR A 246 -1.96 6.91 20.74
N PHE A 247 -0.86 6.16 20.61
CA PHE A 247 -0.78 5.04 19.68
C PHE A 247 -1.28 3.80 20.42
N SER A 248 -2.59 3.73 20.56
CA SER A 248 -3.18 2.64 21.32
C SER A 248 -3.18 1.35 20.50
N LEU A 249 -3.05 0.23 21.21
CA LEU A 249 -3.20 -1.12 20.68
C LEU A 249 -4.46 -1.78 21.21
N THR A 250 -4.87 -2.83 20.50
CA THR A 250 -5.88 -3.75 20.97
C THR A 250 -5.33 -5.15 20.89
N PHE A 251 -5.91 -6.06 21.68
CA PHE A 251 -5.32 -7.37 21.90
C PHE A 251 -6.37 -8.45 21.74
N CYS A 252 -5.91 -9.63 21.34
CA CYS A 252 -6.73 -10.82 21.24
C CYS A 252 -6.11 -11.88 22.14
N VAL A 253 -6.90 -12.41 23.07
CA VAL A 253 -6.45 -13.44 24.01
C VAL A 253 -7.15 -14.74 23.67
N GLN A 254 -6.38 -15.80 23.47
CA GLN A 254 -6.91 -17.09 23.05
C GLN A 254 -6.39 -18.22 23.93
N VAL A 255 -7.29 -19.12 24.30
CA VAL A 255 -6.96 -20.38 24.97
C VAL A 255 -7.13 -21.49 23.96
N GLN A 256 -6.07 -22.25 23.71
CA GLN A 256 -6.13 -23.33 22.72
C GLN A 256 -5.02 -24.35 22.92
N LYS A 264 -12.93 -22.05 19.13
CA LYS A 264 -11.83 -21.34 19.78
C LYS A 264 -12.33 -20.41 20.88
N ASP A 265 -11.66 -20.47 22.03
CA ASP A 265 -11.98 -19.63 23.19
C ASP A 265 -11.20 -18.32 23.11
N ARG A 266 -11.84 -17.26 22.63
CA ARG A 266 -11.17 -15.99 22.39
C ARG A 266 -11.94 -14.87 23.05
N VAL A 267 -11.21 -13.87 23.56
CA VAL A 267 -11.76 -12.59 23.98
C VAL A 267 -10.90 -11.46 23.41
N PHE A 268 -11.52 -10.32 23.21
CA PHE A 268 -10.86 -9.12 22.70
C PHE A 268 -10.90 -8.07 23.79
N THR A 269 -9.79 -7.34 23.95
CA THR A 269 -9.71 -6.32 24.99
C THR A 269 -8.74 -5.23 24.58
N ASP A 270 -9.02 -4.02 25.07
CA ASP A 270 -8.08 -2.92 24.97
C ASP A 270 -7.17 -2.79 26.19
N LYS A 271 -7.46 -3.53 27.27
CA LYS A 271 -6.60 -3.52 28.43
C LYS A 271 -5.37 -4.40 28.20
N THR A 272 -4.42 -4.29 29.12
CA THR A 272 -3.24 -5.16 29.15
C THR A 272 -3.39 -6.26 30.20
N SER A 273 -4.62 -6.70 30.45
CA SER A 273 -4.86 -7.81 31.36
C SER A 273 -6.19 -8.45 31.01
N ALA A 274 -6.34 -9.71 31.42
CA ALA A 274 -7.58 -10.43 31.22
C ALA A 274 -7.60 -11.62 32.17
N THR A 275 -8.81 -12.10 32.46
CA THR A 275 -9.01 -13.27 33.31
C THR A 275 -9.57 -14.41 32.47
N VAL A 276 -8.93 -15.59 32.53
CA VAL A 276 -9.37 -16.72 31.74
C VAL A 276 -9.32 -17.99 32.58
N ILE A 277 -9.87 -19.06 32.00
CA ILE A 277 -9.97 -20.39 32.58
C ILE A 277 -9.09 -21.37 31.80
N CYS A 278 -8.13 -21.99 32.49
CA CYS A 278 -7.20 -22.93 31.85
C CYS A 278 -7.92 -24.28 31.88
N ARG A 279 -8.80 -24.48 30.90
CA ARG A 279 -9.47 -25.77 30.67
C ARG A 279 -8.55 -26.86 30.13
N LYS A 280 -8.04 -26.68 28.90
CA LYS A 280 -7.36 -27.77 28.21
C LYS A 280 -6.06 -28.09 28.94
N ASN A 281 -5.04 -28.56 28.23
CA ASN A 281 -3.82 -28.93 28.95
C ASN A 281 -2.98 -27.72 29.34
N ALA A 282 -3.26 -26.50 28.84
CA ALA A 282 -2.51 -25.32 29.26
C ALA A 282 -2.40 -24.09 28.33
N SER A 283 -2.13 -24.26 27.03
CA SER A 283 -2.07 -23.15 26.05
C SER A 283 -2.87 -21.86 26.32
N ILE A 284 -2.15 -20.75 26.57
CA ILE A 284 -2.69 -19.38 26.48
C ILE A 284 -1.82 -18.57 25.53
N SER A 285 -2.45 -17.76 24.68
CA SER A 285 -1.74 -16.95 23.69
C SER A 285 -2.39 -15.58 23.53
N VAL A 286 -1.55 -14.54 23.34
CA VAL A 286 -2.01 -13.16 23.14
C VAL A 286 -1.29 -12.53 21.96
N ARG A 287 -2.04 -11.76 21.15
CA ARG A 287 -1.45 -10.98 20.06
C ARG A 287 -2.11 -9.60 19.99
N ALA A 288 -1.47 -8.69 19.23
CA ALA A 288 -1.75 -7.27 19.29
C ALA A 288 -2.00 -6.69 17.90
N GLN A 289 -2.87 -5.68 17.84
CA GLN A 289 -3.17 -4.95 16.61
C GLN A 289 -3.36 -3.47 16.95
N ASP A 290 -3.04 -2.60 15.99
CA ASP A 290 -3.42 -1.20 16.10
C ASP A 290 -4.90 -1.06 16.43
N ARG A 291 -5.20 -0.27 17.48
CA ARG A 291 -6.58 -0.18 17.96
C ARG A 291 -7.50 0.48 16.94
N TYR A 292 -6.98 1.44 16.15
CA TYR A 292 -7.82 2.36 15.40
C TYR A 292 -7.81 2.14 13.90
N TYR A 293 -6.98 1.24 13.40
CA TYR A 293 -6.79 1.07 11.96
C TYR A 293 -6.48 -0.40 11.74
N SER A 294 -7.16 -1.01 10.78
CA SER A 294 -7.08 -2.47 10.60
C SER A 294 -5.86 -2.78 9.74
N SER A 295 -4.72 -2.92 10.41
CA SER A 295 -3.52 -3.50 9.82
C SER A 295 -3.31 -4.90 10.38
N SER A 296 -2.09 -5.41 10.25
CA SER A 296 -1.81 -6.82 10.52
C SER A 296 -1.75 -7.08 12.01
N TRP A 297 -2.18 -8.28 12.40
CA TRP A 297 -1.97 -8.73 13.77
C TRP A 297 -0.51 -9.10 14.00
N SER A 298 -0.04 -8.86 15.21
CA SER A 298 1.28 -9.35 15.60
C SER A 298 1.30 -10.88 15.58
N GLU A 299 2.50 -11.44 15.57
CA GLU A 299 2.65 -12.84 15.96
C GLU A 299 2.14 -13.04 17.38
N TRP A 300 1.76 -14.28 17.68
CA TRP A 300 1.28 -14.59 19.03
C TRP A 300 2.43 -14.61 20.01
N ALA A 301 2.19 -14.05 21.20
CA ALA A 301 2.93 -14.41 22.40
C ALA A 301 2.17 -15.50 23.14
N SER A 302 2.92 -16.43 23.73
CA SER A 302 2.30 -17.58 24.38
C SER A 302 3.02 -17.88 25.70
N VAL A 303 2.26 -18.39 26.66
CA VAL A 303 2.82 -18.90 27.91
C VAL A 303 2.00 -20.10 28.33
N PRO A 304 2.60 -21.21 28.76
CA PRO A 304 1.79 -22.34 29.20
C PRO A 304 1.10 -22.05 30.53
N CYS A 305 -0.09 -22.61 30.68
CA CYS A 305 -0.83 -22.51 31.94
C CYS A 305 -0.15 -23.35 33.01
N SER A 306 -0.48 -23.06 34.26
CA SER A 306 -0.19 -23.92 35.42
C SER A 306 0.76 -23.19 36.37
N SER B 8 -12.80 23.91 27.33
CA SER B 8 -12.61 22.47 27.21
C SER B 8 -13.45 21.92 26.07
N PRO B 9 -13.09 20.73 25.54
CA PRO B 9 -13.88 20.14 24.46
C PRO B 9 -14.63 18.83 24.77
N ALA B 10 -14.88 18.51 26.04
CA ALA B 10 -15.63 17.30 26.40
C ALA B 10 -14.99 16.06 25.75
N TRP B 11 -13.72 15.86 26.12
CA TRP B 11 -12.90 14.76 25.62
C TRP B 11 -13.54 13.37 25.69
N THR B 12 -14.09 12.99 26.84
CA THR B 12 -14.62 11.64 27.00
C THR B 12 -15.83 11.36 26.11
N GLN B 13 -16.60 12.38 25.76
CA GLN B 13 -17.68 12.17 24.81
C GLN B 13 -17.13 12.06 23.39
N CYS B 14 -16.06 12.81 23.09
CA CYS B 14 -15.44 12.74 21.76
C CYS B 14 -14.73 11.42 21.56
N GLN B 15 -14.13 10.86 22.62
CA GLN B 15 -13.49 9.55 22.48
C GLN B 15 -14.50 8.50 22.08
N GLN B 16 -15.65 8.47 22.77
CA GLN B 16 -16.66 7.46 22.46
C GLN B 16 -17.19 7.61 21.04
N LEU B 17 -17.48 8.83 20.61
CA LEU B 17 -18.04 9.01 19.28
C LEU B 17 -17.00 8.78 18.20
N SER B 18 -15.75 9.17 18.45
CA SER B 18 -14.72 8.97 17.45
C SER B 18 -14.31 7.50 17.38
N GLN B 19 -14.33 6.82 18.52
CA GLN B 19 -14.09 5.38 18.53
C GLN B 19 -15.18 4.66 17.74
N LYS B 20 -16.43 5.05 17.94
CA LYS B 20 -17.54 4.45 17.20
C LYS B 20 -17.37 4.67 15.70
N LEU B 21 -16.89 5.86 15.30
CA LEU B 21 -16.62 6.12 13.89
C LEU B 21 -15.65 5.12 13.28
N CYS B 22 -14.60 4.76 14.02
CA CYS B 22 -13.66 3.78 13.47
C CYS B 22 -14.36 2.46 13.21
N THR B 23 -15.20 2.02 14.14
CA THR B 23 -15.92 0.78 13.95
C THR B 23 -16.80 0.85 12.71
N LEU B 24 -17.59 1.91 12.59
CA LEU B 24 -18.52 2.04 11.47
C LEU B 24 -17.80 2.26 10.15
N ALA B 25 -16.69 3.00 10.18
CA ALA B 25 -15.94 3.25 8.94
C ALA B 25 -15.50 1.96 8.28
N TRP B 26 -15.22 0.93 9.06
CA TRP B 26 -14.77 -0.32 8.47
C TRP B 26 -15.91 -1.28 8.19
N SER B 27 -17.03 -1.14 8.91
CA SER B 27 -18.14 -2.07 8.81
C SER B 27 -19.28 -1.58 7.93
N ALA B 28 -19.34 -0.28 7.64
CA ALA B 28 -20.51 0.28 6.98
C ALA B 28 -20.62 -0.15 5.52
N HIS B 29 -19.51 -0.54 4.90
CA HIS B 29 -19.45 -0.66 3.45
C HIS B 29 -18.42 -1.72 3.10
N PRO B 30 -18.61 -2.43 1.98
CA PRO B 30 -17.56 -3.34 1.52
C PRO B 30 -16.21 -2.66 1.35
N LEU B 31 -15.15 -3.45 1.47
CA LEU B 31 -13.77 -2.99 1.41
C LEU B 31 -13.05 -3.64 0.23
N VAL B 32 -11.96 -3.02 -0.19
CA VAL B 32 -10.98 -3.64 -1.07
C VAL B 32 -9.62 -3.66 -0.37
N GLY B 33 -8.67 -4.33 -1.01
CA GLY B 33 -7.32 -4.39 -0.50
C GLY B 33 -6.65 -3.03 -0.62
N HIS B 34 -5.65 -2.78 0.23
CA HIS B 34 -5.02 -1.46 0.20
C HIS B 34 -4.29 -1.18 -1.10
N MET B 35 -3.94 -2.20 -1.87
CA MET B 35 -3.27 -1.99 -3.16
C MET B 35 -4.23 -2.04 -4.34
N ASP B 36 -5.52 -2.24 -4.10
CA ASP B 36 -6.49 -2.31 -5.17
C ASP B 36 -7.08 -0.93 -5.45
N LEU B 37 -7.68 -0.80 -6.63
CA LEU B 37 -8.30 0.45 -7.09
C LEU B 37 -7.31 1.61 -7.04
N ARG B 38 -6.02 1.32 -7.06
CA ARG B 38 -5.02 2.36 -7.22
C ARG B 38 -5.00 2.75 -8.70
N GLU B 39 -4.65 4.00 -8.98
CA GLU B 39 -4.61 4.45 -10.37
C GLU B 39 -3.66 5.62 -10.48
N GLU B 40 -3.33 5.97 -11.74
CA GLU B 40 -2.23 6.88 -11.96
C GLU B 40 -2.55 8.28 -11.45
N GLY B 41 -3.80 8.72 -11.61
CA GLY B 41 -4.15 10.05 -11.15
C GLY B 41 -4.37 10.22 -9.66
N ASP B 42 -4.23 9.16 -8.86
CA ASP B 42 -4.52 9.31 -7.44
C ASP B 42 -3.57 10.32 -6.77
N GLU B 43 -2.36 10.48 -7.29
CA GLU B 43 -1.39 11.38 -6.66
C GLU B 43 -1.87 12.83 -6.68
N GLU B 44 -2.45 13.27 -7.81
CA GLU B 44 -2.98 14.63 -7.95
C GLU B 44 -4.31 14.82 -7.21
N THR B 45 -5.19 13.83 -7.30
CA THR B 45 -6.50 13.87 -6.65
C THR B 45 -6.41 14.06 -5.14
N THR B 46 -5.41 13.45 -4.50
CA THR B 46 -5.29 13.57 -3.05
C THR B 46 -5.19 15.03 -2.56
N ASN B 47 -4.62 15.95 -3.35
CA ASN B 47 -4.38 17.29 -2.81
C ASN B 47 -5.68 18.01 -2.47
N ASP B 48 -6.79 17.73 -3.16
CA ASP B 48 -7.99 18.52 -2.88
C ASP B 48 -8.71 18.05 -1.62
N VAL B 49 -8.39 16.87 -1.10
CA VAL B 49 -9.02 16.37 0.11
C VAL B 49 -8.18 16.87 1.27
N PRO B 50 -8.78 17.24 2.41
CA PRO B 50 -7.97 17.68 3.55
C PRO B 50 -7.46 16.50 4.34
N HIS B 51 -6.28 16.68 4.91
CA HIS B 51 -5.61 15.64 5.67
C HIS B 51 -5.12 16.28 6.96
N ILE B 52 -4.94 15.46 7.99
CA ILE B 52 -4.24 15.92 9.19
C ILE B 52 -2.75 15.84 8.88
N GLN B 53 -2.16 16.96 8.49
CA GLN B 53 -0.79 16.95 8.01
C GLN B 53 0.21 17.21 9.14
N CYS B 54 1.47 16.95 8.82
CA CYS B 54 2.59 17.41 9.64
C CYS B 54 2.38 18.86 10.03
N GLY B 55 2.51 19.15 11.32
CA GLY B 55 2.46 20.52 11.79
C GLY B 55 1.09 21.10 12.07
N ASP B 56 0.02 20.33 11.88
CA ASP B 56 -1.33 20.82 12.17
C ASP B 56 -1.64 20.80 13.65
N GLY B 57 -0.74 20.30 14.48
CA GLY B 57 -0.90 20.38 15.91
C GLY B 57 -1.50 19.15 16.54
N CYS B 58 -1.70 18.07 15.77
CA CYS B 58 -2.37 16.89 16.29
C CYS B 58 -1.40 15.85 16.82
N ASP B 59 -0.11 16.14 16.81
CA ASP B 59 0.84 15.29 17.51
C ASP B 59 0.69 15.53 19.02
N PRO B 60 1.09 14.57 19.83
CA PRO B 60 0.96 14.76 21.29
C PRO B 60 1.50 16.08 21.79
N GLN B 61 2.67 16.52 21.28
CA GLN B 61 3.26 17.76 21.74
C GLN B 61 2.41 18.96 21.34
N GLY B 62 1.88 18.96 20.12
CA GLY B 62 1.03 20.05 19.68
C GLY B 62 -0.27 20.17 20.47
N LEU B 63 -0.82 19.03 20.90
CA LEU B 63 -2.05 19.04 21.67
C LEU B 63 -1.84 19.64 23.07
N ARG B 64 -0.69 19.38 23.68
CA ARG B 64 -0.40 20.00 24.97
C ARG B 64 -0.26 21.51 24.85
N ASP B 65 0.35 21.98 23.76
CA ASP B 65 0.60 23.42 23.61
C ASP B 65 -0.70 24.17 23.31
N ASN B 66 -1.49 23.66 22.38
CA ASN B 66 -2.76 24.30 22.04
C ASN B 66 -3.63 23.41 21.17
N SER B 67 -4.62 22.74 21.77
CA SER B 67 -5.40 21.77 21.04
C SER B 67 -6.35 22.41 20.03
N GLN B 68 -6.50 23.73 20.04
CA GLN B 68 -7.47 24.36 19.15
C GLN B 68 -7.07 24.18 17.70
N PHE B 69 -5.77 24.20 17.41
CA PHE B 69 -5.31 23.98 16.04
C PHE B 69 -5.76 22.63 15.52
N CYS B 70 -5.44 21.57 16.27
CA CYS B 70 -5.81 20.23 15.86
C CYS B 70 -7.32 20.09 15.70
N LEU B 71 -8.07 20.60 16.68
CA LEU B 71 -9.52 20.41 16.69
C LEU B 71 -10.19 21.17 15.56
N GLN B 72 -9.61 22.29 15.13
CA GLN B 72 -10.13 22.97 13.96
C GLN B 72 -9.96 22.11 12.73
N ARG B 73 -8.79 21.46 12.60
CA ARG B 73 -8.52 20.61 11.45
C ARG B 73 -9.43 19.39 11.44
N ILE B 74 -9.57 18.72 12.59
CA ILE B 74 -10.43 17.54 12.65
C ILE B 74 -11.85 17.90 12.25
N HIS B 75 -12.35 19.02 12.78
CA HIS B 75 -13.70 19.45 12.46
C HIS B 75 -13.84 19.65 10.96
N GLN B 76 -12.87 20.35 10.35
CA GLN B 76 -12.87 20.58 8.92
C GLN B 76 -12.98 19.26 8.15
N GLY B 77 -12.17 18.26 8.54
CA GLY B 77 -12.20 16.99 7.85
C GLY B 77 -13.53 16.27 8.00
N LEU B 78 -14.15 16.34 9.18
CA LEU B 78 -15.43 15.69 9.37
C LEU B 78 -16.50 16.33 8.49
N ILE B 79 -16.54 17.66 8.44
CA ILE B 79 -17.50 18.37 7.59
C ILE B 79 -17.30 17.98 6.14
N PHE B 80 -16.05 17.88 5.70
CA PHE B 80 -15.79 17.54 4.31
C PHE B 80 -16.33 16.16 3.97
N TYR B 81 -16.06 15.17 4.83
CA TYR B 81 -16.49 13.81 4.52
C TYR B 81 -18.01 13.69 4.65
N GLU B 82 -18.62 14.45 5.55
CA GLU B 82 -20.08 14.51 5.64
C GLU B 82 -20.67 14.99 4.32
N LYS B 83 -20.24 16.16 3.85
CA LYS B 83 -20.72 16.69 2.58
C LYS B 83 -20.59 15.64 1.48
N LEU B 84 -19.49 14.88 1.50
CA LEU B 84 -19.27 13.85 0.49
C LEU B 84 -20.27 12.71 0.61
N LEU B 85 -20.46 12.20 1.83
CA LEU B 85 -21.36 11.08 2.02
C LEU B 85 -22.81 11.44 1.72
N GLY B 86 -23.18 12.72 1.80
CA GLY B 86 -24.49 13.17 1.41
C GLY B 86 -24.61 13.60 -0.04
N SER B 87 -23.54 13.47 -0.82
CA SER B 87 -23.51 13.94 -2.19
C SER B 87 -24.03 12.87 -3.15
N ASP B 88 -24.05 13.22 -4.45
CA ASP B 88 -24.53 12.30 -5.47
C ASP B 88 -23.66 11.06 -5.58
N ILE B 89 -22.45 11.09 -5.03
CA ILE B 89 -21.56 9.93 -5.08
C ILE B 89 -22.18 8.74 -4.37
N PHE B 90 -22.84 9.00 -3.24
CA PHE B 90 -23.42 7.96 -2.41
C PHE B 90 -24.92 7.83 -2.55
N THR B 91 -25.63 8.94 -2.84
CA THR B 91 -27.07 8.89 -2.99
C THR B 91 -27.51 8.56 -4.40
N GLY B 92 -26.62 8.65 -5.37
CA GLY B 92 -26.98 8.34 -6.75
C GLY B 92 -26.87 6.87 -7.07
N GLU B 93 -27.35 6.53 -8.27
CA GLU B 93 -27.43 5.15 -8.69
C GLU B 93 -26.02 4.55 -8.67
N PRO B 94 -25.80 3.39 -8.02
CA PRO B 94 -26.70 2.54 -7.23
C PRO B 94 -26.99 3.09 -5.84
N SER B 95 -28.26 3.37 -5.59
CA SER B 95 -28.62 4.21 -4.46
C SER B 95 -28.54 3.45 -3.14
N LEU B 96 -28.04 4.14 -2.13
CA LEU B 96 -28.07 3.71 -0.74
C LEU B 96 -29.15 4.46 0.01
N LEU B 97 -29.87 3.74 0.86
CA LEU B 97 -30.96 4.38 1.57
C LEU B 97 -30.43 5.11 2.81
N PRO B 98 -31.16 6.13 3.28
CA PRO B 98 -30.70 6.86 4.48
C PRO B 98 -30.54 5.98 5.70
N ASP B 99 -31.29 4.89 5.80
CA ASP B 99 -31.19 3.98 6.94
C ASP B 99 -30.09 2.94 6.76
N SER B 100 -29.25 3.08 5.73
CA SER B 100 -28.21 2.10 5.47
C SER B 100 -27.09 2.24 6.50
N PRO B 101 -26.21 1.25 6.58
CA PRO B 101 -25.01 1.41 7.43
C PRO B 101 -24.22 2.67 7.15
N VAL B 102 -24.07 3.03 5.86
CA VAL B 102 -23.41 4.28 5.50
C VAL B 102 -24.21 5.47 6.00
N GLY B 103 -25.54 5.37 6.03
CA GLY B 103 -26.32 6.45 6.61
C GLY B 103 -26.06 6.60 8.09
N GLN B 104 -25.86 5.49 8.80
CA GLN B 104 -25.48 5.60 10.21
C GLN B 104 -24.07 6.17 10.34
N LEU B 105 -23.19 5.79 9.42
CA LEU B 105 -21.84 6.36 9.40
C LEU B 105 -21.88 7.86 9.13
N HIS B 106 -22.73 8.29 8.21
CA HIS B 106 -22.89 9.71 7.95
C HIS B 106 -23.34 10.42 9.23
N ALA B 107 -24.31 9.81 9.93
CA ALA B 107 -24.81 10.39 11.17
C ALA B 107 -23.74 10.44 12.24
N SER B 108 -22.79 9.49 12.23
CA SER B 108 -21.75 9.53 13.25
C SER B 108 -20.75 10.65 12.97
N LEU B 109 -20.46 10.92 11.70
CA LEU B 109 -19.65 12.08 11.36
C LEU B 109 -20.33 13.36 11.81
N LEU B 110 -21.62 13.48 11.51
CA LEU B 110 -22.38 14.67 11.90
C LEU B 110 -22.45 14.80 13.42
N GLY B 111 -22.68 13.69 14.12
CA GLY B 111 -22.75 13.75 15.57
C GLY B 111 -21.47 14.22 16.22
N LEU B 112 -20.32 13.76 15.72
CA LEU B 112 -19.03 14.14 16.28
C LEU B 112 -18.67 15.58 15.98
N SER B 113 -18.93 16.03 14.75
CA SER B 113 -18.60 17.39 14.32
C SER B 113 -19.37 18.44 15.10
N GLN B 114 -20.61 18.15 15.49
CA GLN B 114 -21.40 19.09 16.28
C GLN B 114 -20.75 19.32 17.65
N LEU B 115 -20.15 18.29 18.22
CA LEU B 115 -19.48 18.39 19.52
C LEU B 115 -18.21 19.24 19.52
N LEU B 116 -17.42 19.22 18.46
CA LEU B 116 -16.17 19.98 18.52
C LEU B 116 -16.35 21.51 18.43
N GLN B 117 -17.16 22.00 17.48
CA GLN B 117 -17.41 23.44 17.35
C GLN B 117 -17.84 24.23 18.59
N PRO B 118 -16.89 24.79 19.37
CA PRO B 118 -17.25 25.53 20.59
C PRO B 118 -18.39 26.54 20.46
N GLU B 119 -18.43 27.42 21.46
CA GLU B 119 -19.44 28.44 21.59
C GLU B 119 -18.72 29.69 21.14
N GLY B 120 -19.27 30.36 20.14
CA GLY B 120 -18.76 31.63 19.72
C GLY B 120 -17.95 31.49 18.45
N HIS B 121 -17.23 30.37 18.29
CA HIS B 121 -16.39 30.24 17.13
C HIS B 121 -17.21 29.57 16.03
N HIS B 122 -16.93 29.94 14.80
CA HIS B 122 -17.67 29.41 13.65
C HIS B 122 -16.65 28.79 12.71
N TRP B 123 -16.71 27.47 12.54
CA TRP B 123 -15.75 26.79 11.68
C TRP B 123 -16.35 26.23 10.41
N GLU B 124 -17.67 26.32 10.25
CA GLU B 124 -18.29 25.87 9.01
C GLU B 124 -17.88 26.79 7.86
N THR B 125 -17.42 26.19 6.76
CA THR B 125 -17.02 26.91 5.57
C THR B 125 -17.97 26.58 4.43
N GLN B 126 -17.49 26.66 3.20
CA GLN B 126 -18.23 26.26 2.01
C GLN B 126 -17.47 25.14 1.32
N GLN B 127 -18.21 24.20 0.74
CA GLN B 127 -17.59 23.10 0.03
C GLN B 127 -17.13 23.55 -1.36
N ILE B 128 -16.16 22.83 -1.90
CA ILE B 128 -15.77 22.96 -3.30
C ILE B 128 -16.32 21.74 -4.02
N PRO B 129 -17.65 21.66 -4.22
CA PRO B 129 -18.24 20.37 -4.64
C PRO B 129 -17.69 19.84 -5.96
N SER B 130 -17.47 20.72 -6.93
CA SER B 130 -17.05 20.28 -8.27
C SER B 130 -18.20 19.45 -8.85
N LEU B 131 -17.92 18.30 -9.48
CA LEU B 131 -18.97 17.49 -10.08
C LEU B 131 -18.56 16.03 -10.00
N SER B 132 -19.45 15.21 -9.43
CA SER B 132 -19.22 13.79 -9.22
C SER B 132 -19.30 13.08 -10.57
N PRO B 133 -19.03 11.78 -10.64
CA PRO B 133 -19.16 11.07 -11.91
C PRO B 133 -20.61 10.80 -12.25
N SER B 134 -20.84 10.48 -13.52
CA SER B 134 -22.17 10.24 -14.05
C SER B 134 -22.44 8.78 -14.33
N GLN B 135 -21.39 7.96 -14.47
CA GLN B 135 -21.60 6.54 -14.72
C GLN B 135 -21.74 5.82 -13.38
N PRO B 136 -22.71 4.91 -13.22
CA PRO B 136 -22.85 4.19 -11.94
C PRO B 136 -21.60 3.45 -11.47
N TRP B 137 -20.90 2.78 -12.38
CA TRP B 137 -19.70 2.06 -12.01
C TRP B 137 -18.64 2.98 -11.42
N GLN B 138 -18.48 4.17 -12.01
CA GLN B 138 -17.48 5.10 -11.50
C GLN B 138 -17.87 5.62 -10.13
N ARG B 139 -19.17 5.80 -9.88
CA ARG B 139 -19.64 6.15 -8.55
C ARG B 139 -19.22 5.09 -7.54
N LEU B 140 -19.44 3.82 -7.87
CA LEU B 140 -19.10 2.72 -6.96
C LEU B 140 -17.62 2.71 -6.61
N LEU B 141 -16.76 2.84 -7.62
CA LEU B 141 -15.32 2.84 -7.35
C LEU B 141 -14.94 3.97 -6.43
N LEU B 142 -15.51 5.16 -6.64
CA LEU B 142 -15.14 6.30 -5.83
C LEU B 142 -15.57 6.14 -4.38
N ARG B 143 -16.66 5.39 -4.14
CA ARG B 143 -17.09 5.15 -2.77
C ARG B 143 -16.02 4.37 -1.99
N PHE B 144 -15.44 3.33 -2.60
CA PHE B 144 -14.36 2.60 -1.96
C PHE B 144 -13.18 3.49 -1.64
N LYS B 145 -12.79 4.36 -2.58
CA LYS B 145 -11.63 5.21 -2.39
C LYS B 145 -11.88 6.24 -1.31
N ILE B 146 -13.08 6.82 -1.28
CA ILE B 146 -13.40 7.82 -0.28
C ILE B 146 -13.42 7.20 1.11
N LEU B 147 -14.02 6.02 1.24
CA LEU B 147 -14.20 5.44 2.57
C LEU B 147 -12.88 4.96 3.17
N ARG B 148 -11.93 4.50 2.34
CA ARG B 148 -10.64 4.12 2.90
C ARG B 148 -9.82 5.36 3.25
N SER B 149 -10.03 6.46 2.52
CA SER B 149 -9.45 7.73 2.91
C SER B 149 -10.03 8.20 4.24
N LEU B 150 -11.33 8.00 4.43
CA LEU B 150 -11.97 8.33 5.70
C LEU B 150 -11.43 7.46 6.83
N GLN B 151 -11.22 6.16 6.56
CA GLN B 151 -10.67 5.28 7.58
C GLN B 151 -9.35 5.81 8.13
N ALA B 152 -8.48 6.28 7.23
CA ALA B 152 -7.20 6.86 7.65
C ALA B 152 -7.40 8.11 8.50
N PHE B 153 -8.31 8.99 8.08
CA PHE B 153 -8.54 10.23 8.80
C PHE B 153 -9.09 9.97 10.20
N VAL B 154 -10.12 9.12 10.31
CA VAL B 154 -10.77 8.93 11.60
C VAL B 154 -9.87 8.17 12.57
N ALA B 155 -8.93 7.38 12.07
CA ALA B 155 -7.95 6.76 12.95
C ALA B 155 -7.11 7.81 13.67
N VAL B 156 -6.65 8.83 12.95
CA VAL B 156 -5.90 9.91 13.59
C VAL B 156 -6.77 10.63 14.60
N ALA B 157 -8.01 10.94 14.21
CA ALA B 157 -8.93 11.61 15.13
C ALA B 157 -9.14 10.82 16.40
N ALA B 158 -9.30 9.50 16.26
CA ALA B 158 -9.56 8.66 17.43
C ALA B 158 -8.35 8.66 18.38
N ARG B 159 -7.13 8.68 17.83
CA ARG B 159 -5.95 8.77 18.68
C ARG B 159 -5.89 10.10 19.42
N VAL B 160 -6.21 11.19 18.73
CA VAL B 160 -6.20 12.50 19.37
C VAL B 160 -7.14 12.53 20.57
N PHE B 161 -8.37 12.04 20.37
CA PHE B 161 -9.36 12.14 21.45
C PHE B 161 -9.06 11.15 22.55
N ALA B 162 -8.55 9.97 22.21
CA ALA B 162 -8.14 9.03 23.24
C ALA B 162 -7.02 9.63 24.09
N HIS B 163 -6.06 10.28 23.42
CA HIS B 163 -4.94 10.90 24.13
C HIS B 163 -5.38 12.09 24.97
N GLY B 164 -6.27 12.93 24.44
CA GLY B 164 -6.74 14.07 25.22
C GLY B 164 -7.55 13.70 26.46
N ALA B 165 -8.43 12.71 26.32
CA ALA B 165 -9.19 12.24 27.48
C ALA B 165 -8.29 11.71 28.58
N ALA B 166 -7.20 11.04 28.20
CA ALA B 166 -6.31 10.41 29.16
C ALA B 166 -5.35 11.38 29.83
N THR B 167 -4.98 12.47 29.16
CA THR B 167 -3.90 13.34 29.62
C THR B 167 -4.29 14.80 29.78
N LEU B 168 -5.43 15.23 29.24
CA LEU B 168 -5.82 16.64 29.24
C LEU B 168 -7.10 16.89 30.02
N SER B 169 -7.73 15.83 30.56
CA SER B 169 -9.00 15.98 31.27
C SER B 169 -8.74 16.32 32.74
N MET C 2 -10.49 -1.28 -26.67
CA MET C 2 -9.60 -0.13 -26.68
C MET C 2 -8.22 -0.63 -26.23
N SER C 3 -7.51 0.05 -25.33
CA SER C 3 -6.18 -0.42 -25.01
C SER C 3 -6.24 -1.79 -24.35
N ILE C 4 -5.17 -2.58 -24.53
CA ILE C 4 -5.03 -3.83 -23.77
C ILE C 4 -4.73 -3.60 -22.29
N GLN C 5 -3.97 -2.55 -21.99
CA GLN C 5 -3.63 -2.20 -20.60
C GLN C 5 -4.86 -1.82 -19.79
N GLU C 6 -5.72 -0.99 -20.36
CA GLU C 6 -6.94 -0.59 -19.68
C GLU C 6 -7.84 -1.79 -19.39
N ILE C 7 -7.97 -2.72 -20.33
CA ILE C 7 -8.84 -3.86 -20.09
C ILE C 7 -8.35 -4.70 -18.92
N GLN C 8 -7.05 -4.95 -18.84
CA GLN C 8 -6.53 -5.71 -17.70
C GLN C 8 -6.68 -4.96 -16.39
N LYS C 9 -6.52 -3.62 -16.40
CA LYS C 9 -6.80 -2.83 -15.19
C LYS C 9 -8.25 -2.95 -14.77
N GLU C 10 -9.18 -2.85 -15.73
CA GLU C 10 -10.60 -2.95 -15.40
C GLU C 10 -10.94 -4.32 -14.82
N ILE C 11 -10.33 -5.37 -15.35
CA ILE C 11 -10.59 -6.70 -14.83
C ILE C 11 -10.10 -6.78 -13.39
N ALA C 12 -8.94 -6.18 -13.11
CA ALA C 12 -8.38 -6.20 -11.76
C ALA C 12 -9.30 -5.47 -10.80
N GLN C 13 -9.89 -4.36 -11.24
CA GLN C 13 -10.82 -3.63 -10.38
C GLN C 13 -12.05 -4.48 -10.10
N ILE C 14 -12.58 -5.13 -11.12
CA ILE C 14 -13.73 -6.02 -10.93
C ILE C 14 -13.36 -7.12 -9.95
N GLN C 15 -12.19 -7.72 -10.14
CA GLN C 15 -11.74 -8.79 -9.25
C GLN C 15 -11.66 -8.30 -7.82
N ALA C 16 -11.13 -7.10 -7.62
CA ALA C 16 -11.04 -6.51 -6.28
C ALA C 16 -12.44 -6.26 -5.71
N VAL C 17 -13.32 -5.68 -6.53
CA VAL C 17 -14.67 -5.32 -6.08
C VAL C 17 -15.45 -6.56 -5.71
N ILE C 18 -15.39 -7.60 -6.55
CA ILE C 18 -16.18 -8.78 -6.26
C ILE C 18 -15.62 -9.47 -5.03
N ALA C 19 -14.31 -9.42 -4.84
CA ALA C 19 -13.72 -9.94 -3.62
C ALA C 19 -14.23 -9.21 -2.39
N GLY C 20 -14.39 -7.88 -2.49
CA GLY C 20 -14.89 -7.14 -1.34
C GLY C 20 -16.35 -7.39 -1.00
N ILE C 21 -17.22 -7.46 -2.02
CA ILE C 21 -18.61 -7.78 -1.77
C ILE C 21 -18.75 -9.18 -1.19
N GLN C 22 -18.02 -10.13 -1.74
CA GLN C 22 -18.05 -11.51 -1.25
C GLN C 22 -17.65 -11.59 0.21
N LYS C 23 -16.56 -10.93 0.58
CA LYS C 23 -16.10 -10.96 1.96
C LYS C 23 -17.08 -10.25 2.88
N TYR C 24 -17.69 -9.16 2.38
CA TYR C 24 -18.63 -8.39 3.20
C TYR C 24 -19.86 -9.24 3.54
N ILE C 25 -20.34 -10.05 2.58
CA ILE C 25 -21.48 -10.92 2.79
C ILE C 25 -21.20 -11.92 3.93
N TYR C 26 -19.97 -12.39 4.02
CA TYR C 26 -19.62 -13.30 5.11
C TYR C 26 -19.95 -12.69 6.47
N THR C 27 -19.64 -11.41 6.66
CA THR C 27 -19.89 -10.77 7.95
C THR C 27 -21.37 -10.71 8.30
N MET C 28 -22.27 -10.96 7.34
CA MET C 28 -23.71 -10.90 7.59
C MET C 28 -24.36 -12.26 7.33
N SER C 47 -32.04 -13.52 -1.51
CA SER C 47 -31.52 -14.86 -1.23
C SER C 47 -30.00 -14.83 -1.25
N ILE C 48 -29.39 -15.23 -0.13
CA ILE C 48 -27.93 -15.25 -0.05
C ILE C 48 -27.37 -16.37 -0.91
N GLU C 49 -27.93 -17.58 -0.79
CA GLU C 49 -27.44 -18.70 -1.58
C GLU C 49 -27.51 -18.38 -3.07
N GLU C 50 -28.57 -17.71 -3.51
CA GLU C 50 -28.69 -17.35 -4.93
C GLU C 50 -27.63 -16.35 -5.35
N ILE C 51 -27.42 -15.31 -4.52
CA ILE C 51 -26.42 -14.29 -4.85
C ILE C 51 -25.01 -14.88 -4.88
N GLN C 52 -24.71 -15.79 -3.94
CA GLN C 52 -23.39 -16.40 -3.91
C GLN C 52 -23.12 -17.26 -5.14
N LYS C 53 -24.16 -17.91 -5.66
CA LYS C 53 -24.03 -18.70 -6.88
C LYS C 53 -23.79 -17.79 -8.09
N GLN C 54 -24.50 -16.67 -8.13
CA GLN C 54 -24.33 -15.68 -9.19
C GLN C 54 -22.92 -15.10 -9.22
N ILE C 55 -22.36 -14.81 -8.04
CA ILE C 55 -20.98 -14.31 -7.97
C ILE C 55 -19.98 -15.29 -8.56
N ALA C 56 -20.08 -16.56 -8.17
CA ALA C 56 -19.16 -17.56 -8.67
C ALA C 56 -19.23 -17.70 -10.18
N ALA C 57 -20.42 -17.56 -10.76
CA ALA C 57 -20.55 -17.71 -12.20
C ALA C 57 -19.84 -16.58 -12.95
N ILE C 58 -19.89 -15.35 -12.44
CA ILE C 58 -19.14 -14.27 -13.08
C ILE C 58 -17.64 -14.53 -13.00
N GLN C 59 -17.15 -14.94 -11.83
CA GLN C 59 -15.72 -15.24 -11.71
C GLN C 59 -15.31 -16.35 -12.67
N CYS C 60 -16.10 -17.43 -12.73
CA CYS C 60 -15.85 -18.47 -13.72
C CYS C 60 -15.82 -17.88 -15.11
N GLN C 61 -16.63 -16.86 -15.36
CA GLN C 61 -16.60 -16.17 -16.64
C GLN C 61 -15.40 -15.25 -16.76
N ILE C 62 -15.01 -14.59 -15.67
CA ILE C 62 -13.82 -13.76 -15.70
C ILE C 62 -12.58 -14.57 -16.08
N ALA C 63 -12.46 -15.79 -15.53
CA ALA C 63 -11.34 -16.65 -15.87
C ALA C 63 -11.33 -17.01 -17.34
N ALA C 64 -12.49 -17.35 -17.90
CA ALA C 64 -12.55 -17.67 -19.32
C ALA C 64 -12.19 -16.46 -20.17
N ILE C 65 -12.64 -15.28 -19.76
CA ILE C 65 -12.30 -14.08 -20.53
C ILE C 65 -10.80 -13.84 -20.47
N GLN C 66 -10.21 -14.05 -19.29
CA GLN C 66 -8.78 -13.83 -19.08
C GLN C 66 -7.92 -14.71 -19.98
N LYS C 67 -8.40 -15.91 -20.33
CA LYS C 67 -7.66 -16.80 -21.22
C LYS C 67 -7.63 -16.28 -22.65
N GLN C 68 -8.70 -15.62 -23.09
CA GLN C 68 -8.70 -14.98 -24.40
C GLN C 68 -7.58 -13.96 -24.46
N ILE C 69 -7.31 -13.30 -23.33
CA ILE C 69 -6.32 -12.25 -23.26
C ILE C 69 -4.92 -12.85 -23.32
N TYR C 70 -4.67 -13.93 -22.57
CA TYR C 70 -3.35 -14.54 -22.57
C TYR C 70 -3.05 -15.28 -23.86
N ALA C 71 -3.97 -15.30 -24.82
CA ALA C 71 -3.69 -15.75 -26.17
C ALA C 71 -3.13 -14.63 -27.05
N MET C 72 -3.69 -13.43 -26.94
CA MET C 72 -3.26 -12.26 -27.71
C MET C 72 -2.92 -12.63 -29.15
N SER C 91 -13.65 -11.28 -29.00
CA SER C 91 -12.84 -10.26 -29.66
C SER C 91 -12.68 -9.06 -28.73
N ILE C 92 -11.82 -8.10 -29.11
CA ILE C 92 -11.65 -6.89 -28.32
C ILE C 92 -12.98 -6.17 -28.15
N GLU C 93 -13.65 -5.86 -29.26
CA GLU C 93 -14.93 -5.16 -29.16
C GLU C 93 -15.87 -5.94 -28.25
N GLU C 94 -15.88 -7.27 -28.39
CA GLU C 94 -16.76 -8.13 -27.61
C GLU C 94 -16.37 -8.19 -26.14
N ILE C 95 -15.07 -8.11 -25.84
CA ILE C 95 -14.61 -8.03 -24.45
C ILE C 95 -15.04 -6.73 -23.80
N GLN C 96 -14.86 -5.60 -24.48
CA GLN C 96 -15.29 -4.33 -23.90
C GLN C 96 -16.78 -4.37 -23.62
N LYS C 97 -17.55 -4.98 -24.52
CA LYS C 97 -18.98 -5.08 -24.31
C LYS C 97 -19.25 -5.97 -23.10
N GLN C 98 -18.45 -7.02 -22.93
CA GLN C 98 -18.59 -7.92 -21.79
C GLN C 98 -18.17 -7.29 -20.47
N ILE C 99 -17.15 -6.43 -20.47
CA ILE C 99 -16.78 -5.77 -19.23
C ILE C 99 -17.93 -4.90 -18.73
N ALA C 100 -18.51 -4.12 -19.64
CA ALA C 100 -19.67 -3.31 -19.27
C ALA C 100 -20.82 -4.17 -18.77
N ALA C 101 -21.07 -5.30 -19.45
CA ALA C 101 -22.15 -6.19 -19.01
C ALA C 101 -21.86 -6.82 -17.66
N ILE C 102 -20.62 -7.21 -17.41
CA ILE C 102 -20.26 -7.74 -16.10
C ILE C 102 -20.39 -6.66 -15.05
N GLN C 103 -20.04 -5.42 -15.40
CA GLN C 103 -20.18 -4.31 -14.47
C GLN C 103 -21.64 -4.09 -14.10
N GLU C 104 -22.55 -4.23 -15.08
CA GLU C 104 -23.97 -4.06 -14.80
C GLU C 104 -24.47 -5.16 -13.85
N GLN C 105 -23.97 -6.38 -14.00
CA GLN C 105 -24.36 -7.45 -13.08
C GLN C 105 -23.88 -7.18 -11.66
N ILE C 106 -22.67 -6.64 -11.53
CA ILE C 106 -22.08 -6.38 -10.22
C ILE C 106 -22.84 -5.27 -9.50
N LEU C 107 -23.23 -4.23 -10.24
CA LEU C 107 -23.95 -3.12 -9.63
C LEU C 107 -25.29 -3.59 -9.08
N ALA C 108 -25.98 -4.46 -9.82
CA ALA C 108 -27.24 -5.02 -9.35
C ALA C 108 -27.07 -5.82 -8.07
N ILE C 109 -26.01 -6.63 -7.98
CA ILE C 109 -25.75 -7.41 -6.77
C ILE C 109 -25.49 -6.48 -5.59
N TYR C 110 -24.63 -5.48 -5.80
CA TYR C 110 -24.34 -4.49 -4.77
C TYR C 110 -25.59 -3.84 -4.20
N LYS C 111 -26.52 -3.44 -5.08
CA LYS C 111 -27.74 -2.80 -4.60
C LYS C 111 -28.58 -3.72 -3.73
N GLN C 112 -28.69 -4.99 -4.11
CA GLN C 112 -29.42 -5.96 -3.29
C GLN C 112 -28.78 -6.14 -1.92
N ILE C 113 -27.46 -6.29 -1.90
CA ILE C 113 -26.76 -6.52 -0.63
C ILE C 113 -26.94 -5.33 0.29
N MET C 114 -26.75 -4.12 -0.24
CA MET C 114 -26.92 -2.93 0.60
C MET C 114 -28.35 -2.83 1.12
N ALA C 115 -29.32 -3.23 0.30
CA ALA C 115 -30.71 -3.22 0.74
C ALA C 115 -30.97 -4.27 1.81
N MET C 116 -30.23 -5.38 1.78
CA MET C 116 -30.42 -6.44 2.76
C MET C 116 -29.91 -6.02 4.13
N VAL C 117 -28.88 -5.17 4.18
CA VAL C 117 -28.34 -4.70 5.45
C VAL C 117 -29.02 -3.42 5.91
N THR C 118 -29.98 -2.91 5.14
CA THR C 118 -30.75 -1.74 5.53
C THR C 118 -32.11 -2.18 6.08
C1 NAG D . 12.97 0.73 -14.47
C2 NAG D . 13.87 1.96 -14.45
C3 NAG D . 13.25 3.07 -15.28
C4 NAG D . 13.05 2.56 -16.70
C5 NAG D . 12.19 1.30 -16.68
C6 NAG D . 12.04 0.68 -18.05
C7 NAG D . 13.87 3.60 -12.56
C8 NAG D . 14.28 3.80 -11.13
N2 NAG D . 14.15 2.39 -13.08
O3 NAG D . 14.10 4.21 -15.29
O4 NAG D . 12.41 3.56 -17.49
O5 NAG D . 12.79 0.30 -15.83
O6 NAG D . 13.29 0.58 -18.71
O7 NAG D . 13.31 4.49 -13.20
H1 NAG D . 12.11 0.95 -14.08
H2 NAG D . 14.72 1.72 -14.87
H3 NAG D . 12.39 3.32 -14.90
H4 NAG D . 13.91 2.35 -17.10
H5 NAG D . 11.30 1.52 -16.33
H61 NAG D . 11.44 1.22 -18.59
H62 NAG D . 11.66 -0.22 -17.94
H81 NAG D . 14.03 4.69 -10.84
H82 NAG D . 13.83 3.14 -10.57
H83 NAG D . 15.24 3.68 -11.05
HN2 NAG D . 14.57 1.79 -12.53
HO3 NAG D . 13.61 4.94 -15.36
HO6 NAG D . 13.19 0.16 -19.49
C1 NAG D . 13.37 4.46 -18.10
C2 NAG D . 12.70 5.17 -19.25
C3 NAG D . 13.67 6.13 -19.93
C4 NAG D . 14.28 7.08 -18.90
C5 NAG D . 14.86 6.29 -17.74
C6 NAG D . 15.37 7.18 -16.62
C7 NAG D . 11.26 4.53 -21.13
C8 NAG D . 10.82 3.41 -22.04
N2 NAG D . 12.17 4.21 -20.21
O3 NAG D . 12.99 6.89 -20.93
O4 NAG D . 15.32 7.84 -19.50
O5 NAG D . 13.87 5.43 -17.16
O6 NAG D . 14.32 7.63 -15.79
O7 NAG D . 10.79 5.66 -21.22
H1 NAG D . 14.13 3.94 -18.44
H2 NAG D . 11.95 5.69 -18.90
H3 NAG D . 14.39 5.62 -20.35
H4 NAG D . 13.59 7.68 -18.57
H5 NAG D . 15.61 5.75 -18.06
H61 NAG D . 15.82 7.95 -17.01
H62 NAG D . 16.01 6.69 -16.07
H81 NAG D . 10.44 2.69 -21.50
H82 NAG D . 10.15 3.74 -22.67
H83 NAG D . 11.60 3.08 -22.53
HN2 NAG D . 12.49 3.35 -20.18
HO3 NAG D . 13.58 7.19 -21.52
HO6 NAG D . 14.65 8.08 -15.10
C1 BMA D . 14.98 9.20 -19.82
C2 BMA D . 16.01 10.15 -19.19
C3 BMA D . 15.60 11.58 -19.54
C4 BMA D . 15.50 11.76 -21.06
C5 BMA D . 14.51 10.69 -21.63
C6 BMA D . 14.41 10.69 -23.14
O2 BMA D . 17.29 9.91 -19.74
O3 BMA D . 16.38 12.63 -18.89
O4 BMA D . 15.03 13.06 -21.38
O5 BMA D . 14.95 9.38 -21.23
O6 BMA D . 13.06 11.06 -23.49
H1 BMA D . 13.97 9.43 -19.42
H2 BMA D . 16.01 10.00 -18.10
H3 BMA D . 14.58 11.74 -19.15
H4 BMA D . 16.49 11.57 -21.50
H5 BMA D . 13.51 10.88 -21.22
H61 BMA D . 14.68 9.70 -23.51
H62 BMA D . 15.15 11.42 -23.52
HO2 BMA D . 17.87 9.71 -19.00
HO4 BMA D . 15.83 13.58 -21.62
C1 MAN D . 17.80 12.66 -19.20
C2 MAN D . 18.58 12.31 -17.90
C3 MAN D . 18.49 13.45 -16.88
C4 MAN D . 18.79 14.83 -17.51
C5 MAN D . 17.95 15.03 -18.79
C6 MAN D . 18.32 16.30 -19.54
O2 MAN D . 19.98 12.12 -18.17
O3 MAN D . 19.35 13.23 -15.77
O4 MAN D . 18.45 15.86 -16.59
O5 MAN D . 18.18 13.92 -19.70
O6 MAN D . 17.59 16.35 -20.76
H1 MAN D . 18.04 11.95 -20.00
H2 MAN D . 18.15 11.39 -17.47
H3 MAN D . 17.48 13.48 -16.47
H4 MAN D . 19.85 14.87 -17.78
H5 MAN D . 16.89 15.08 -18.54
H61 MAN D . 19.41 16.29 -19.72
H62 MAN D . 18.09 17.16 -18.88
HO2 MAN D . 20.19 11.18 -18.13
HO3 MAN D . 18.78 13.02 -15.02
HO4 MAN D . 19.31 16.17 -16.24
C1 MAN D . 12.86 11.50 -24.87
C2 MAN D . 13.50 10.44 -25.88
C3 MAN D . 14.92 10.81 -26.33
C4 MAN D . 15.01 12.28 -26.72
C5 MAN D . 14.67 13.16 -25.52
C6 MAN D . 14.72 14.64 -25.85
O2 MAN D . 12.74 10.37 -27.09
O3 MAN D . 15.37 9.98 -27.40
O4 MAN D . 16.34 12.57 -27.16
O5 MAN D . 13.32 12.88 -25.04
O6 MAN D . 14.38 15.36 -24.68
H1 MAN D . 11.78 11.57 -25.06
H2 MAN D . 13.52 9.45 -25.39
H3 MAN D . 15.61 10.63 -25.49
H4 MAN D . 14.28 12.48 -27.52
H5 MAN D . 15.40 12.98 -24.72
H61 MAN D . 15.74 14.89 -26.21
H62 MAN D . 14.01 14.83 -26.67
HO2 MAN D . 12.04 9.72 -26.99
HO3 MAN D . 14.83 10.25 -28.16
HO4 MAN D . 16.27 12.67 -28.12
#